data_4PDT
#
_entry.id   4PDT
#
_cell.length_a   57.395
_cell.length_b   57.395
_cell.length_c   57.944
_cell.angle_alpha   90.00
_cell.angle_beta   90.00
_cell.angle_gamma   120.00
#
_symmetry.space_group_name_H-M   'P 32 2 1'
#
loop_
_entity.id
_entity.type
_entity.pdbx_description
1 polymer 'Mannose recognizing lectin'
2 non-polymer 'SULFATE ION'
3 water water
#
_entity_poly.entity_id   1
_entity_poly.type   'polypeptide(L)'
_entity_poly.pdbx_seq_one_letter_code
;MSYVHPYGSTLPENGVIGRGYALISDSGRVEFRVTDEGNIQLFLDDSRKLWSVDGKNASFVKMQTDGNCVGYDPNGTAVW
HTATNGDDHPYNLVCQNDGNLVVYAKGGKAVWHTNTAVVH
;
_entity_poly.pdbx_strand_id   A
#
# COMPACT_ATOMS: atom_id res chain seq x y z
N SER A 2 -16.34 3.18 5.54
CA SER A 2 -14.99 3.53 6.00
C SER A 2 -14.12 2.30 6.00
N TYR A 3 -12.86 2.45 6.41
CA TYR A 3 -11.89 1.39 6.35
C TYR A 3 -11.28 1.12 7.70
N VAL A 4 -11.18 -0.18 8.00
CA VAL A 4 -10.53 -0.62 9.25
C VAL A 4 -9.01 -0.61 9.02
N HIS A 5 -8.29 -0.25 10.09
CA HIS A 5 -6.84 -0.03 10.06
C HIS A 5 -6.13 -1.02 11.01
N PRO A 6 -5.71 -2.18 10.48
CA PRO A 6 -5.06 -3.16 11.41
C PRO A 6 -3.58 -2.99 11.59
N TYR A 7 -3.01 -1.99 10.88
CA TYR A 7 -1.56 -1.80 10.80
C TYR A 7 -1.06 -0.37 10.96
N GLY A 8 -1.92 0.55 11.34
CA GLY A 8 -1.50 1.97 11.37
C GLY A 8 -1.16 2.38 9.94
N SER A 9 0.01 3.01 9.83
CA SER A 9 0.46 3.48 8.53
C SER A 9 1.28 2.49 7.69
N THR A 10 1.65 1.34 8.23
CA THR A 10 2.72 0.55 7.64
C THR A 10 2.41 -0.92 7.52
N LEU A 11 2.59 -1.44 6.34
CA LEU A 11 2.37 -2.86 6.06
C LEU A 11 3.72 -3.56 6.15
N PRO A 12 3.95 -4.33 7.23
CA PRO A 12 5.19 -5.02 7.37
C PRO A 12 5.21 -6.31 6.55
N GLU A 13 6.37 -6.94 6.57
CA GLU A 13 6.53 -8.27 5.96
C GLU A 13 5.44 -9.23 6.51
N ASN A 14 4.79 -9.90 5.56
CA ASN A 14 3.66 -10.83 5.78
C ASN A 14 2.37 -10.11 6.02
N GLY A 15 2.36 -8.79 6.00
CA GLY A 15 1.15 -8.02 6.17
C GLY A 15 0.26 -8.05 4.95
N VAL A 16 -1.05 -8.12 5.20
CA VAL A 16 -2.04 -8.14 4.16
C VAL A 16 -3.18 -7.18 4.51
N ILE A 17 -3.61 -6.37 3.53
CA ILE A 17 -4.86 -5.64 3.69
C ILE A 17 -5.85 -6.15 2.62
N GLY A 18 -7.04 -6.51 3.10
CA GLY A 18 -8.13 -6.95 2.24
C GLY A 18 -9.16 -5.84 1.98
N ARG A 19 -10.20 -6.18 1.26
CA ARG A 19 -11.25 -5.25 0.94
C ARG A 19 -11.86 -4.73 2.20
N GLY A 20 -11.99 -3.42 2.27
CA GLY A 20 -12.52 -2.74 3.45
C GLY A 20 -11.49 -2.45 4.53
N TYR A 21 -10.23 -2.66 4.21
CA TYR A 21 -9.13 -2.39 5.13
C TYR A 21 -8.17 -1.43 4.45
N ALA A 22 -7.32 -0.84 5.24
CA ALA A 22 -6.44 0.24 4.71
C ALA A 22 -5.28 0.52 5.63
N LEU A 23 -4.24 1.14 5.06
CA LEU A 23 -3.23 1.83 5.85
C LEU A 23 -3.71 3.28 6.03
N ILE A 24 -3.32 3.91 7.13
CA ILE A 24 -3.70 5.32 7.42
C ILE A 24 -2.49 6.03 7.96
N SER A 25 -2.20 7.20 7.33
CA SER A 25 -1.07 7.98 7.81
C SER A 25 -1.31 8.48 9.24
N ASP A 26 -0.21 8.83 9.90
CA ASP A 26 -0.31 9.34 11.29
C ASP A 26 -1.28 10.52 11.39
N SER A 27 -1.26 11.37 10.36
CA SER A 27 -2.12 12.54 10.36
C SER A 27 -3.61 12.26 10.19
N GLY A 28 -3.88 11.05 9.70
CA GLY A 28 -5.23 10.69 9.29
C GLY A 28 -5.64 11.13 7.88
N ARG A 29 -4.80 11.92 7.20
CA ARG A 29 -5.15 12.46 5.89
C ARG A 29 -4.97 11.56 4.71
N VAL A 30 -4.00 10.63 4.82
CA VAL A 30 -3.60 9.82 3.68
C VAL A 30 -4.00 8.37 3.96
N GLU A 31 -4.74 7.78 3.03
CA GLU A 31 -5.30 6.41 3.28
C GLU A 31 -5.09 5.56 2.05
N PHE A 32 -4.49 4.38 2.27
CA PHE A 32 -4.19 3.42 1.21
C PHE A 32 -5.17 2.25 1.38
N ARG A 33 -6.14 2.21 0.50
CA ARG A 33 -7.33 1.36 0.55
C ARG A 33 -7.43 0.25 -0.46
N VAL A 34 -7.98 -0.89 0.00
CA VAL A 34 -8.43 -1.93 -0.92
C VAL A 34 -9.95 -1.90 -0.80
N THR A 35 -10.62 -1.59 -1.90
CA THR A 35 -12.04 -1.29 -1.87
C THR A 35 -12.92 -2.50 -2.13
N ASP A 36 -14.18 -2.36 -1.76
CA ASP A 36 -15.18 -3.40 -2.03
C ASP A 36 -15.37 -3.60 -3.55
N GLU A 37 -15.13 -2.53 -4.29
CA GLU A 37 -15.22 -2.50 -5.75
C GLU A 37 -13.98 -3.13 -6.43
N GLY A 38 -13.05 -3.67 -5.65
CA GLY A 38 -11.84 -4.28 -6.23
C GLY A 38 -10.73 -3.33 -6.70
N ASN A 39 -10.72 -2.11 -6.17
CA ASN A 39 -9.68 -1.12 -6.52
C ASN A 39 -8.70 -0.91 -5.38
N ILE A 40 -7.46 -0.58 -5.77
CA ILE A 40 -6.38 -0.28 -4.79
C ILE A 40 -6.15 1.22 -4.94
N GLN A 41 -6.47 2.01 -3.91
CA GLN A 41 -6.48 3.47 -4.08
C GLN A 41 -5.84 4.16 -2.92
N LEU A 42 -5.07 5.19 -3.25
CA LEU A 42 -4.39 6.08 -2.30
C LEU A 42 -5.14 7.42 -2.35
N PHE A 43 -5.75 7.80 -1.24
CA PHE A 43 -6.58 9.01 -1.11
C PHE A 43 -6.09 10.01 -0.10
N LEU A 44 -6.23 11.30 -0.47
CA LEU A 44 -5.96 12.40 0.44
C LEU A 44 -7.29 13.04 0.85
N ASP A 45 -7.47 13.19 2.16
CA ASP A 45 -8.65 13.82 2.78
C ASP A 45 -10.00 13.22 2.34
N ASP A 46 -9.97 11.92 2.05
CA ASP A 46 -11.14 11.16 1.66
C ASP A 46 -11.81 11.78 0.44
N SER A 47 -11.05 12.54 -0.34
CA SER A 47 -11.63 13.20 -1.47
C SER A 47 -10.73 13.29 -2.72
N ARG A 48 -9.41 13.30 -2.55
CA ARG A 48 -8.55 13.38 -3.73
C ARG A 48 -7.79 12.03 -3.99
N LYS A 49 -8.03 11.39 -5.14
CA LYS A 49 -7.37 10.13 -5.47
C LYS A 49 -5.97 10.40 -5.97
N LEU A 50 -4.97 10.08 -5.17
CA LEU A 50 -3.58 10.39 -5.55
C LEU A 50 -2.97 9.43 -6.53
N TRP A 51 -3.37 8.17 -6.37
CA TRP A 51 -2.82 7.08 -7.12
C TRP A 51 -3.78 5.89 -7.01
N SER A 52 -3.84 5.05 -8.02
CA SER A 52 -4.69 3.84 -7.93
C SER A 52 -4.38 2.80 -8.95
N VAL A 53 -4.83 1.57 -8.64
CA VAL A 53 -4.85 0.46 -9.61
C VAL A 53 -6.32 0.12 -9.66
N ASP A 54 -7.00 0.52 -10.74
CA ASP A 54 -8.44 0.31 -10.83
C ASP A 54 -8.82 -0.69 -11.91
N GLY A 55 -9.98 -1.30 -11.71
CA GLY A 55 -10.58 -2.21 -12.64
C GLY A 55 -9.98 -3.59 -12.78
N LYS A 56 -9.18 -4.02 -11.80
CA LYS A 56 -8.51 -5.31 -11.91
C LYS A 56 -9.02 -6.36 -10.89
N ASN A 57 -10.09 -6.07 -10.16
CA ASN A 57 -10.73 -7.07 -9.21
C ASN A 57 -9.77 -7.43 -8.09
N ALA A 58 -9.03 -6.47 -7.59
CA ALA A 58 -8.13 -6.66 -6.47
C ALA A 58 -8.93 -7.12 -5.22
N SER A 59 -8.35 -8.13 -4.55
CA SER A 59 -8.91 -8.67 -3.32
C SER A 59 -8.04 -8.25 -2.14
N PHE A 60 -6.72 -8.22 -2.34
CA PHE A 60 -5.83 -7.90 -1.22
C PHE A 60 -4.42 -7.48 -1.69
N VAL A 61 -3.70 -6.80 -0.78
CA VAL A 61 -2.32 -6.46 -1.03
C VAL A 61 -1.48 -7.09 0.05
N LYS A 62 -0.37 -7.71 -0.34
CA LYS A 62 0.54 -8.35 0.58
C LYS A 62 1.98 -7.82 0.45
N MET A 63 2.56 -7.41 1.56
CA MET A 63 3.99 -7.07 1.63
C MET A 63 4.71 -8.41 1.90
N GLN A 64 5.29 -9.00 0.88
CA GLN A 64 5.84 -10.37 0.98
C GLN A 64 7.22 -10.43 1.56
N THR A 65 7.56 -11.61 2.06
CA THR A 65 8.88 -11.87 2.60
C THR A 65 9.96 -11.74 1.54
N ASP A 66 9.59 -11.87 0.27
CA ASP A 66 10.59 -11.74 -0.81
C ASP A 66 10.88 -10.28 -1.16
N GLY A 67 10.16 -9.38 -0.51
CA GLY A 67 10.39 -7.95 -0.70
C GLY A 67 9.46 -7.33 -1.73
N ASN A 68 8.71 -8.14 -2.47
CA ASN A 68 7.76 -7.61 -3.42
C ASN A 68 6.48 -7.27 -2.72
N CYS A 69 5.86 -6.13 -2.97
CA CYS A 69 4.55 -5.78 -2.45
C CYS A 69 3.58 -6.00 -3.60
N VAL A 70 2.60 -6.89 -3.44
CA VAL A 70 1.80 -7.40 -4.54
C VAL A 70 0.34 -7.38 -4.24
N GLY A 71 -0.45 -6.88 -5.19
CA GLY A 71 -1.90 -6.93 -5.11
C GLY A 71 -2.36 -8.18 -5.86
N TYR A 72 -3.39 -8.85 -5.27
CA TYR A 72 -3.91 -10.09 -5.81
C TYR A 72 -5.40 -10.05 -5.96
N ASP A 73 -5.90 -10.74 -6.96
CA ASP A 73 -7.35 -10.92 -7.11
C ASP A 73 -7.79 -12.07 -6.13
N PRO A 74 -9.10 -12.36 -6.09
CA PRO A 74 -9.56 -13.36 -5.08
C PRO A 74 -9.03 -14.76 -5.27
N ASN A 75 -8.53 -15.05 -6.46
CA ASN A 75 -8.01 -16.35 -6.82
C ASN A 75 -6.48 -16.38 -6.69
N GLY A 76 -5.89 -15.29 -6.22
CA GLY A 76 -4.49 -15.32 -6.04
C GLY A 76 -3.68 -14.96 -7.28
N THR A 77 -4.30 -14.43 -8.36
CA THR A 77 -3.53 -13.90 -9.51
C THR A 77 -3.12 -12.45 -9.22
N ALA A 78 -1.85 -12.18 -9.48
CA ALA A 78 -1.36 -10.81 -9.21
C ALA A 78 -1.99 -9.76 -10.16
N VAL A 79 -2.34 -8.63 -9.58
CA VAL A 79 -2.85 -7.49 -10.32
C VAL A 79 -1.95 -6.23 -10.24
N TRP A 80 -0.90 -6.28 -9.43
CA TRP A 80 -0.01 -5.12 -9.23
C TRP A 80 1.21 -5.60 -8.49
N HIS A 81 2.37 -5.05 -8.79
CA HIS A 81 3.60 -5.36 -8.08
C HIS A 81 4.42 -4.10 -7.97
N THR A 82 4.99 -3.83 -6.82
CA THR A 82 6.03 -2.78 -6.68
C THR A 82 7.35 -3.24 -7.29
N ALA A 83 7.52 -4.56 -7.47
CA ALA A 83 8.69 -5.12 -8.11
C ALA A 83 9.96 -4.72 -7.35
N THR A 84 9.86 -4.83 -6.02
CA THR A 84 10.91 -4.45 -5.08
C THR A 84 11.64 -5.68 -4.46
N ASN A 85 11.36 -6.89 -4.98
CA ASN A 85 12.00 -8.06 -4.42
C ASN A 85 13.50 -7.97 -4.36
N GLY A 86 14.03 -8.36 -3.21
CA GLY A 86 15.44 -8.36 -2.91
C GLY A 86 15.71 -9.03 -1.56
N ASP A 87 16.93 -8.90 -1.05
CA ASP A 87 17.34 -9.56 0.18
C ASP A 87 17.52 -8.60 1.36
N ASP A 88 17.15 -7.34 1.19
CA ASP A 88 17.28 -6.35 2.24
C ASP A 88 16.09 -6.36 3.19
N HIS A 89 15.84 -7.51 3.81
CA HIS A 89 14.75 -7.63 4.75
C HIS A 89 15.10 -7.02 6.07
N PRO A 90 14.09 -6.58 6.83
CA PRO A 90 12.68 -6.65 6.48
C PRO A 90 12.25 -5.46 5.63
N TYR A 91 11.29 -5.70 4.75
CA TYR A 91 10.70 -4.63 3.95
C TYR A 91 9.41 -4.15 4.58
N ASN A 92 9.09 -2.88 4.38
CA ASN A 92 7.86 -2.26 4.87
C ASN A 92 7.26 -1.34 3.81
N LEU A 93 5.94 -1.26 3.76
CA LEU A 93 5.19 -0.35 2.90
C LEU A 93 4.59 0.70 3.78
N VAL A 94 5.06 1.97 3.60
CA VAL A 94 4.70 3.06 4.49
C VAL A 94 3.82 4.10 3.82
N CYS A 95 2.66 4.37 4.39
CA CYS A 95 1.70 5.40 3.94
C CYS A 95 2.02 6.65 4.75
N GLN A 96 2.74 7.59 4.08
CA GLN A 96 3.27 8.75 4.75
C GLN A 96 2.35 9.99 4.76
N ASN A 97 2.59 10.86 5.76
CA ASN A 97 1.81 12.09 5.88
C ASN A 97 1.94 12.98 4.62
N ASP A 98 3.06 12.89 3.94
CA ASP A 98 3.29 13.74 2.75
C ASP A 98 2.51 13.30 1.54
N GLY A 99 1.84 12.16 1.65
CA GLY A 99 1.07 11.60 0.56
C GLY A 99 1.78 10.52 -0.23
N ASN A 100 3.08 10.37 0.00
CA ASN A 100 3.84 9.35 -0.71
C ASN A 100 3.59 7.98 -0.03
N LEU A 101 3.45 6.95 -0.86
CA LEU A 101 3.38 5.52 -0.39
C LEU A 101 4.71 4.89 -0.84
N VAL A 102 5.51 4.43 0.13
CA VAL A 102 6.90 4.07 -0.09
C VAL A 102 7.26 2.65 0.42
N VAL A 103 7.98 1.89 -0.38
CA VAL A 103 8.60 0.63 0.08
C VAL A 103 10.00 0.93 0.56
N TYR A 104 10.25 0.66 1.84
CA TYR A 104 11.56 0.82 2.45
C TYR A 104 12.22 -0.54 2.68
N ALA A 105 13.49 -0.64 2.38
CA ALA A 105 14.28 -1.81 2.62
C ALA A 105 15.06 -1.62 3.93
N LYS A 106 15.72 -2.69 4.35
CA LYS A 106 16.52 -2.68 5.53
C LYS A 106 17.50 -1.53 5.38
N GLY A 107 17.70 -0.79 6.47
CA GLY A 107 18.63 0.32 6.46
C GLY A 107 18.01 1.63 6.02
N GLY A 108 16.72 1.61 5.72
CA GLY A 108 16.03 2.83 5.39
C GLY A 108 16.04 3.26 3.94
N LYS A 109 16.54 2.43 3.03
CA LYS A 109 16.56 2.84 1.63
C LYS A 109 15.15 2.75 1.03
N ALA A 110 14.63 3.82 0.42
CA ALA A 110 13.35 3.89 -0.24
C ALA A 110 13.58 3.26 -1.61
N VAL A 111 12.96 2.10 -1.83
CA VAL A 111 13.18 1.37 -3.09
C VAL A 111 12.02 1.44 -4.12
N TRP A 112 10.92 2.07 -3.73
CA TRP A 112 9.79 2.31 -4.61
C TRP A 112 8.92 3.37 -3.97
N HIS A 113 8.29 4.21 -4.81
CA HIS A 113 7.32 5.21 -4.32
C HIS A 113 6.18 5.34 -5.31
N THR A 114 5.03 5.78 -4.83
CA THR A 114 3.98 6.24 -5.74
C THR A 114 4.35 7.60 -6.40
N ASN A 115 5.30 8.32 -5.79
CA ASN A 115 5.70 9.70 -6.26
C ASN A 115 4.54 10.66 -6.18
N THR A 116 3.91 10.65 -5.01
CA THR A 116 2.75 11.46 -4.68
C THR A 116 2.86 12.21 -3.36
N ALA A 117 4.05 12.78 -3.16
CA ALA A 117 4.31 13.59 -1.98
C ALA A 117 3.80 14.99 -2.26
N VAL A 118 2.48 15.14 -2.15
CA VAL A 118 1.82 16.38 -2.49
C VAL A 118 1.57 17.27 -1.29
N VAL A 119 1.87 16.82 -0.08
CA VAL A 119 1.68 17.65 1.08
C VAL A 119 3.08 17.92 1.63
N HIS A 120 3.59 19.09 1.33
CA HIS A 120 4.92 19.42 1.78
C HIS A 120 4.90 19.91 3.22
#